data_3P2I
#
_entry.id   3P2I
#
_cell.length_a   64.857
_cell.length_b   64.857
_cell.length_c   108.609
_cell.angle_alpha   90.000
_cell.angle_beta   90.000
_cell.angle_gamma   90.000
#
_symmetry.space_group_name_H-M   'P 43'
#
loop_
_entity.id
_entity.type
_entity.pdbx_description
1 polymer '16S rRNA methylase'
2 water water
#
_entity_poly.entity_id   1
_entity_poly.type   'polypeptide(L)'
_entity_poly.pdbx_seq_one_letter_code
;MLILKGTKTVDLSKDELTEIIGQFDRVHIDLGTGDGRNIYKLAINDQNTFYIGIDPVKENLFDISKKIIKKPSKGGLSNV
VFVIAAAESLPFELKNIADSISILFPWGTLLEYVIKPNRDILSNVADLAKKEAHFEFVTTYSDSYEEAEIKKRGLPLLSK
AYFLSEQYKAELSNSGFRIDDVKELDNEYVKQFNSLWAKRLAFGRKRSFFRVSGHVSKHHHHHHH
;
_entity_poly.pdbx_strand_id   A,B
#
# COMPACT_ATOMS: atom_id res chain seq x y z
N LEU A 2 14.68 -6.17 -18.53
CA LEU A 2 13.25 -5.81 -18.23
C LEU A 2 13.15 -4.73 -17.15
N ILE A 3 13.06 -3.47 -17.58
CA ILE A 3 12.99 -2.35 -16.63
C ILE A 3 11.82 -1.41 -16.96
N LEU A 4 11.67 -0.37 -16.15
CA LEU A 4 10.62 0.61 -16.38
C LEU A 4 11.14 2.00 -16.71
N LYS A 5 10.59 2.58 -17.78
CA LYS A 5 10.94 3.93 -18.19
C LYS A 5 9.59 4.63 -18.06
N GLY A 6 9.33 5.17 -16.87
CA GLY A 6 8.05 5.80 -16.65
C GLY A 6 7.07 4.66 -16.53
N THR A 7 5.99 4.69 -17.32
CA THR A 7 5.00 3.63 -17.28
C THR A 7 5.25 2.61 -18.39
N LYS A 8 6.29 2.84 -19.19
CA LYS A 8 6.60 1.91 -20.26
C LYS A 8 7.67 0.89 -19.88
N THR A 9 7.48 -0.33 -20.35
CA THR A 9 8.42 -1.42 -20.08
C THR A 9 9.37 -1.63 -21.27
N VAL A 10 10.66 -1.58 -21.00
CA VAL A 10 11.67 -1.76 -22.04
C VAL A 10 12.78 -2.68 -21.56
N ASP A 11 13.63 -3.09 -22.49
CA ASP A 11 14.72 -3.99 -22.16
C ASP A 11 16.04 -3.27 -21.94
N LEU A 12 16.81 -3.80 -20.99
CA LEU A 12 18.12 -3.27 -20.65
C LEU A 12 19.04 -4.49 -20.73
N SER A 13 20.06 -4.42 -21.57
CA SER A 13 21.00 -5.54 -21.73
C SER A 13 22.09 -5.51 -20.67
N LYS A 14 22.78 -6.63 -20.53
CA LYS A 14 23.87 -6.74 -19.58
C LYS A 14 24.91 -5.66 -19.82
N ASP A 15 25.25 -5.43 -21.09
CA ASP A 15 26.23 -4.40 -21.41
C ASP A 15 25.80 -3.03 -20.93
N GLU A 16 24.62 -2.59 -21.39
CA GLU A 16 24.08 -1.29 -20.99
C GLU A 16 24.16 -1.10 -19.49
N LEU A 17 23.73 -2.12 -18.74
CA LEU A 17 23.75 -2.08 -17.28
C LEU A 17 25.17 -1.91 -16.75
N THR A 18 26.11 -2.64 -17.35
CA THR A 18 27.50 -2.56 -16.93
C THR A 18 27.99 -1.14 -17.10
N GLU A 19 27.62 -0.54 -18.23
CA GLU A 19 27.98 0.83 -18.54
C GLU A 19 27.48 1.78 -17.44
N ILE A 20 26.21 1.62 -17.05
CA ILE A 20 25.60 2.47 -16.03
C ILE A 20 26.26 2.28 -14.67
N ILE A 21 26.40 1.03 -14.25
CA ILE A 21 27.03 0.71 -12.97
C ILE A 21 28.45 1.28 -12.90
N GLY A 22 29.05 1.50 -14.07
CA GLY A 22 30.40 2.04 -14.11
C GLY A 22 30.58 3.38 -13.42
N GLN A 23 29.62 4.29 -13.56
CA GLN A 23 29.71 5.62 -12.96
C GLN A 23 29.41 5.65 -11.46
N PHE A 24 29.40 4.49 -10.83
CA PHE A 24 29.11 4.39 -9.41
C PHE A 24 30.09 3.46 -8.72
N ASP A 25 30.32 3.69 -7.43
CA ASP A 25 31.23 2.84 -6.66
C ASP A 25 30.50 1.69 -6.00
N ARG A 26 29.19 1.84 -5.80
CA ARG A 26 28.41 0.79 -5.16
C ARG A 26 27.06 0.55 -5.83
N VAL A 27 26.57 -0.67 -5.67
CA VAL A 27 25.29 -1.07 -6.22
C VAL A 27 24.50 -1.77 -5.13
N HIS A 28 23.32 -1.25 -4.84
CA HIS A 28 22.45 -1.85 -3.82
C HIS A 28 21.19 -2.35 -4.52
N ILE A 29 20.70 -3.50 -4.07
CA ILE A 29 19.49 -4.07 -4.64
C ILE A 29 18.43 -4.23 -3.57
N ASP A 30 17.23 -3.74 -3.84
CA ASP A 30 16.12 -3.88 -2.91
C ASP A 30 15.10 -4.79 -3.60
N LEU A 31 14.90 -5.99 -3.04
CA LEU A 31 13.99 -6.98 -3.60
C LEU A 31 12.55 -6.83 -3.09
N GLY A 32 11.59 -6.90 -3.99
CA GLY A 32 10.20 -6.73 -3.59
C GLY A 32 10.10 -5.30 -3.11
N THR A 33 10.72 -4.41 -3.88
CA THR A 33 10.77 -2.99 -3.57
C THR A 33 9.41 -2.31 -3.38
N GLY A 34 8.35 -2.90 -3.90
CA GLY A 34 7.03 -2.29 -3.73
C GLY A 34 6.72 -1.07 -4.56
N ASP A 35 6.37 0.04 -3.91
CA ASP A 35 6.05 1.28 -4.63
C ASP A 35 7.26 2.13 -4.96
N GLY A 36 8.45 1.58 -4.72
CA GLY A 36 9.68 2.29 -5.01
C GLY A 36 10.05 3.48 -4.14
N ARG A 37 9.23 3.81 -3.16
CA ARG A 37 9.53 4.95 -2.28
C ARG A 37 10.74 4.72 -1.36
N ASN A 38 10.88 3.52 -0.81
CA ASN A 38 12.03 3.25 0.05
C ASN A 38 13.32 3.45 -0.75
N ILE A 39 13.33 2.92 -1.97
CA ILE A 39 14.47 3.04 -2.87
C ILE A 39 14.71 4.49 -3.26
N TYR A 40 13.62 5.22 -3.50
CA TYR A 40 13.71 6.61 -3.89
C TYR A 40 14.44 7.42 -2.82
N LYS A 41 14.10 7.19 -1.56
CA LYS A 41 14.75 7.92 -0.47
C LYS A 41 16.21 7.50 -0.32
N LEU A 42 16.50 6.23 -0.53
CA LEU A 42 17.87 5.74 -0.41
C LEU A 42 18.76 6.44 -1.43
N ALA A 43 18.29 6.48 -2.68
CA ALA A 43 19.05 7.09 -3.77
C ALA A 43 19.24 8.60 -3.62
N ILE A 44 18.17 9.31 -3.34
CA ILE A 44 18.26 10.76 -3.20
C ILE A 44 19.26 11.18 -2.12
N ASN A 45 19.48 10.32 -1.12
CA ASN A 45 20.41 10.61 -0.04
C ASN A 45 21.82 10.08 -0.25
N ASP A 46 22.05 9.39 -1.36
CA ASP A 46 23.38 8.83 -1.64
C ASP A 46 23.62 8.65 -3.14
N GLN A 47 24.18 9.67 -3.76
CA GLN A 47 24.46 9.66 -5.19
C GLN A 47 25.69 8.87 -5.58
N ASN A 48 26.31 8.17 -4.62
CA ASN A 48 27.50 7.39 -4.94
C ASN A 48 27.15 5.90 -5.05
N THR A 49 25.85 5.61 -5.01
CA THR A 49 25.39 4.23 -5.11
C THR A 49 24.33 4.13 -6.19
N PHE A 50 24.36 3.04 -6.94
CA PHE A 50 23.33 2.85 -7.95
C PHE A 50 22.30 1.92 -7.33
N TYR A 51 21.07 2.38 -7.20
CA TYR A 51 20.01 1.58 -6.60
C TYR A 51 19.10 0.86 -7.59
N ILE A 52 18.95 -0.45 -7.37
CA ILE A 52 18.12 -1.28 -8.23
C ILE A 52 16.97 -1.83 -7.40
N GLY A 53 15.75 -1.41 -7.74
CA GLY A 53 14.57 -1.87 -7.04
C GLY A 53 13.90 -2.90 -7.91
N ILE A 54 13.69 -4.10 -7.38
CA ILE A 54 13.05 -5.18 -8.12
C ILE A 54 11.66 -5.46 -7.57
N ASP A 55 10.72 -5.70 -8.48
CA ASP A 55 9.36 -6.00 -8.08
C ASP A 55 8.65 -6.70 -9.23
N PRO A 56 7.74 -7.63 -8.93
CA PRO A 56 6.99 -8.34 -9.97
C PRO A 56 5.77 -7.59 -10.49
N VAL A 57 5.29 -6.61 -9.72
CA VAL A 57 4.11 -5.84 -10.11
C VAL A 57 4.51 -4.42 -10.52
N LYS A 58 4.48 -4.14 -11.81
CA LYS A 58 4.86 -2.81 -12.30
C LYS A 58 3.86 -1.72 -11.96
N GLU A 59 2.57 -2.08 -11.87
CA GLU A 59 1.54 -1.09 -11.56
C GLU A 59 1.90 -0.25 -10.33
N ASN A 60 2.48 -0.88 -9.31
CA ASN A 60 2.85 -0.19 -8.08
C ASN A 60 4.08 0.69 -8.20
N LEU A 61 4.80 0.58 -9.31
CA LEU A 61 6.02 1.37 -9.51
C LEU A 61 5.84 2.58 -10.42
N PHE A 62 4.73 2.62 -11.15
CA PHE A 62 4.47 3.71 -12.10
C PHE A 62 4.72 5.12 -11.60
N ASP A 63 4.14 5.46 -10.45
CA ASP A 63 4.32 6.79 -9.89
C ASP A 63 5.78 7.17 -9.77
N ILE A 64 6.49 6.57 -8.81
CA ILE A 64 7.89 6.88 -8.62
C ILE A 64 8.66 6.68 -9.92
N SER A 65 8.27 5.70 -10.71
CA SER A 65 8.94 5.46 -11.99
C SER A 65 8.85 6.67 -12.90
N LYS A 66 7.69 7.33 -12.92
CA LYS A 66 7.48 8.51 -13.74
C LYS A 66 8.22 9.70 -13.17
N LYS A 67 8.45 9.68 -11.85
CA LYS A 67 9.13 10.77 -11.16
C LYS A 67 10.65 10.76 -11.31
N ILE A 68 11.26 9.59 -11.13
CA ILE A 68 12.72 9.48 -11.22
C ILE A 68 13.21 9.83 -12.61
N ILE A 69 12.33 9.70 -13.60
CA ILE A 69 12.70 9.96 -14.98
C ILE A 69 12.59 11.44 -15.37
N LYS A 70 12.11 12.27 -14.47
CA LYS A 70 11.99 13.70 -14.75
C LYS A 70 13.38 14.34 -14.62
N LYS A 71 13.51 15.58 -15.05
CA LYS A 71 14.79 16.26 -14.95
C LYS A 71 15.07 16.40 -13.44
N PRO A 72 16.34 16.41 -13.05
CA PRO A 72 16.73 16.53 -11.65
C PRO A 72 16.03 17.68 -10.94
N SER A 73 15.77 18.76 -11.69
CA SER A 73 15.11 19.92 -11.13
C SER A 73 13.71 19.61 -10.61
N LYS A 74 13.08 18.59 -11.18
CA LYS A 74 11.73 18.20 -10.78
C LYS A 74 11.61 16.84 -10.11
N GLY A 75 12.57 16.51 -9.24
CA GLY A 75 12.52 15.24 -8.53
C GLY A 75 13.08 14.05 -9.28
N GLY A 76 13.85 14.30 -10.32
CA GLY A 76 14.44 13.20 -11.08
C GLY A 76 15.70 12.66 -10.43
N LEU A 77 16.01 11.38 -10.68
CA LEU A 77 17.19 10.75 -10.12
C LEU A 77 17.96 9.96 -11.18
N SER A 78 19.28 10.04 -11.13
CA SER A 78 20.12 9.35 -12.09
C SER A 78 20.65 8.02 -11.57
N ASN A 79 20.48 7.78 -10.27
CA ASN A 79 20.99 6.55 -9.68
C ASN A 79 19.97 5.49 -9.33
N VAL A 80 18.85 5.48 -10.05
CA VAL A 80 17.79 4.50 -9.80
C VAL A 80 17.30 3.79 -11.07
N VAL A 81 16.91 2.53 -10.90
CA VAL A 81 16.39 1.71 -11.98
C VAL A 81 15.47 0.66 -11.36
N PHE A 82 14.28 0.50 -11.92
CA PHE A 82 13.35 -0.50 -11.41
C PHE A 82 13.31 -1.69 -12.34
N VAL A 83 13.53 -2.88 -11.77
CA VAL A 83 13.51 -4.09 -12.56
C VAL A 83 12.25 -4.87 -12.26
N ILE A 84 11.59 -5.33 -13.31
CA ILE A 84 10.38 -6.11 -13.15
C ILE A 84 10.74 -7.58 -13.19
N ALA A 85 10.77 -8.19 -12.02
CA ALA A 85 11.11 -9.59 -11.87
C ALA A 85 10.64 -10.09 -10.51
N ALA A 86 10.58 -11.41 -10.35
CA ALA A 86 10.16 -12.02 -9.10
C ALA A 86 11.31 -12.82 -8.51
N ALA A 87 11.29 -12.99 -7.19
CA ALA A 87 12.34 -13.74 -6.51
C ALA A 87 12.50 -15.14 -7.07
N GLU A 88 11.39 -15.72 -7.54
CA GLU A 88 11.40 -17.06 -8.11
C GLU A 88 12.23 -17.15 -9.38
N SER A 89 12.40 -16.02 -10.06
CA SER A 89 13.20 -16.02 -11.29
C SER A 89 13.85 -14.67 -11.53
N LEU A 90 14.98 -14.46 -10.87
CA LEU A 90 15.74 -13.23 -10.99
C LEU A 90 16.50 -13.17 -12.31
N PRO A 91 16.68 -11.97 -12.87
CA PRO A 91 17.40 -11.77 -14.14
C PRO A 91 18.88 -12.09 -13.98
N PHE A 92 19.41 -12.91 -14.89
CA PHE A 92 20.83 -13.30 -14.84
C PHE A 92 21.78 -12.10 -14.91
N GLU A 93 21.32 -10.99 -15.48
CA GLU A 93 22.17 -9.81 -15.60
C GLU A 93 22.58 -9.21 -14.24
N LEU A 94 21.84 -9.57 -13.19
CA LEU A 94 22.11 -9.04 -11.86
C LEU A 94 22.99 -9.96 -11.01
N LYS A 95 23.49 -11.02 -11.62
CA LYS A 95 24.33 -12.00 -10.93
C LYS A 95 25.64 -11.39 -10.43
N ASN A 96 25.95 -11.61 -9.16
CA ASN A 96 27.20 -11.16 -8.57
C ASN A 96 27.47 -9.69 -8.86
N ILE A 97 26.50 -8.83 -8.56
CA ILE A 97 26.64 -7.42 -8.86
C ILE A 97 26.47 -6.48 -7.66
N ALA A 98 25.73 -6.93 -6.65
CA ALA A 98 25.43 -6.10 -5.49
C ALA A 98 26.39 -6.07 -4.31
N ASP A 99 26.62 -4.85 -3.82
CA ASP A 99 27.48 -4.62 -2.68
C ASP A 99 26.61 -4.82 -1.44
N SER A 100 25.31 -4.60 -1.63
CA SER A 100 24.36 -4.78 -0.53
C SER A 100 22.96 -5.11 -1.05
N ILE A 101 22.22 -5.85 -0.24
CA ILE A 101 20.89 -6.28 -0.62
C ILE A 101 19.92 -6.07 0.52
N SER A 102 18.71 -5.66 0.19
CA SER A 102 17.71 -5.46 1.21
C SER A 102 16.37 -6.04 0.76
N ILE A 103 15.60 -6.48 1.74
CA ILE A 103 14.25 -7.01 1.54
C ILE A 103 13.52 -6.31 2.69
N LEU A 104 12.79 -5.25 2.34
CA LEU A 104 12.07 -4.44 3.33
C LEU A 104 10.56 -4.64 3.34
N PHE A 105 10.05 -5.10 4.46
CA PHE A 105 8.61 -5.32 4.65
C PHE A 105 7.98 -6.13 3.52
N PRO A 106 8.48 -7.36 3.29
CA PRO A 106 7.96 -8.22 2.23
C PRO A 106 6.56 -8.74 2.56
N TRP A 107 5.78 -8.98 1.51
CA TRP A 107 4.43 -9.47 1.66
C TRP A 107 4.29 -10.72 0.80
N GLY A 108 3.32 -11.57 1.13
CA GLY A 108 3.11 -12.79 0.36
C GLY A 108 4.22 -13.81 0.36
N THR A 109 4.41 -14.43 -0.81
CA THR A 109 5.42 -15.46 -1.00
C THR A 109 6.86 -15.05 -0.65
N LEU A 110 7.21 -13.79 -0.91
CA LEU A 110 8.56 -13.33 -0.59
C LEU A 110 8.76 -13.33 0.92
N LEU A 111 7.72 -12.95 1.66
CA LEU A 111 7.81 -12.94 3.12
C LEU A 111 8.02 -14.36 3.60
N GLU A 112 7.33 -15.29 2.97
CA GLU A 112 7.42 -16.71 3.30
C GLU A 112 8.86 -17.19 3.09
N TYR A 113 9.43 -16.84 1.94
CA TYR A 113 10.79 -17.26 1.60
C TYR A 113 11.83 -16.77 2.59
N VAL A 114 11.60 -15.61 3.18
CA VAL A 114 12.52 -15.03 4.13
C VAL A 114 12.34 -15.59 5.53
N ILE A 115 11.09 -15.83 5.91
CA ILE A 115 10.75 -16.34 7.23
C ILE A 115 10.87 -17.85 7.43
N LYS A 116 10.45 -18.63 6.44
CA LYS A 116 10.49 -20.08 6.54
C LYS A 116 11.79 -20.65 7.14
N PRO A 117 12.93 -20.47 6.47
CA PRO A 117 13.16 -19.79 5.19
C PRO A 117 13.14 -20.77 4.02
N ASN A 118 13.11 -20.23 2.81
CA ASN A 118 13.15 -21.03 1.61
C ASN A 118 14.59 -20.93 1.13
N ARG A 119 15.39 -21.95 1.46
CA ARG A 119 16.80 -21.98 1.10
C ARG A 119 17.08 -21.85 -0.39
N ASP A 120 16.24 -22.45 -1.23
CA ASP A 120 16.45 -22.38 -2.66
C ASP A 120 16.29 -20.93 -3.15
N ILE A 121 15.18 -20.31 -2.80
CA ILE A 121 14.91 -18.94 -3.19
C ILE A 121 15.97 -17.98 -2.66
N LEU A 122 16.26 -18.07 -1.36
CA LEU A 122 17.25 -17.19 -0.77
C LEU A 122 18.61 -17.40 -1.43
N SER A 123 18.83 -18.61 -1.90
CA SER A 123 20.08 -18.95 -2.57
C SER A 123 20.20 -18.14 -3.86
N ASN A 124 19.08 -17.99 -4.57
CA ASN A 124 19.09 -17.23 -5.80
C ASN A 124 19.35 -15.76 -5.51
N VAL A 125 18.80 -15.27 -4.40
CA VAL A 125 19.01 -13.89 -4.03
C VAL A 125 20.48 -13.70 -3.67
N ALA A 126 21.06 -14.69 -2.99
CA ALA A 126 22.46 -14.59 -2.59
C ALA A 126 23.35 -14.43 -3.82
N ASP A 127 22.94 -15.01 -4.94
CA ASP A 127 23.71 -14.94 -6.18
C ASP A 127 23.80 -13.56 -6.81
N LEU A 128 22.97 -12.63 -6.34
CA LEU A 128 22.97 -11.28 -6.87
C LEU A 128 24.05 -10.45 -6.19
N ALA A 129 24.51 -10.92 -5.04
CA ALA A 129 25.53 -10.20 -4.28
C ALA A 129 26.96 -10.62 -4.60
N LYS A 130 27.88 -9.69 -4.45
CA LYS A 130 29.29 -9.95 -4.69
C LYS A 130 29.88 -10.49 -3.40
N LYS A 131 31.13 -10.93 -3.45
CA LYS A 131 31.82 -11.50 -2.29
C LYS A 131 31.53 -10.79 -0.97
N GLU A 132 31.82 -9.49 -0.92
CA GLU A 132 31.58 -8.72 0.29
C GLU A 132 30.09 -8.87 0.64
N ALA A 133 29.27 -8.02 0.01
CA ALA A 133 27.83 -8.08 0.20
C ALA A 133 27.28 -7.99 1.61
N HIS A 134 26.65 -6.87 1.90
CA HIS A 134 25.99 -6.66 3.17
C HIS A 134 24.50 -6.91 2.87
N PHE A 135 23.76 -7.44 3.82
CA PHE A 135 22.34 -7.67 3.58
C PHE A 135 21.47 -7.29 4.77
N GLU A 136 20.22 -6.94 4.48
CA GLU A 136 19.28 -6.55 5.51
C GLU A 136 17.87 -7.04 5.21
N PHE A 137 17.31 -7.82 6.14
CA PHE A 137 15.94 -8.31 5.98
C PHE A 137 15.07 -7.74 7.10
N VAL A 138 14.09 -6.93 6.74
CA VAL A 138 13.20 -6.33 7.73
C VAL A 138 11.79 -6.88 7.52
N THR A 139 11.26 -7.57 8.52
CA THR A 139 9.92 -8.14 8.39
C THR A 139 9.02 -7.93 9.61
N THR A 140 7.74 -8.26 9.43
CA THR A 140 6.73 -8.16 10.47
C THR A 140 5.52 -9.01 10.05
N TYR A 141 4.85 -9.63 11.01
CA TYR A 141 3.71 -10.46 10.66
C TYR A 141 2.45 -10.07 11.44
N SER A 142 2.54 -10.09 12.76
CA SER A 142 1.38 -9.72 13.59
C SER A 142 1.56 -8.36 14.24
N ASP A 143 0.44 -7.71 14.53
CA ASP A 143 0.45 -6.39 15.17
C ASP A 143 0.27 -6.52 16.68
N LYS A 160 11.77 -12.55 18.03
CA LYS A 160 13.21 -12.28 17.94
C LYS A 160 14.05 -13.51 18.24
N ALA A 161 13.51 -14.40 19.06
CA ALA A 161 14.21 -15.62 19.42
C ALA A 161 14.21 -16.57 18.23
N TYR A 162 13.15 -16.50 17.43
CA TYR A 162 13.06 -17.36 16.26
C TYR A 162 14.19 -17.06 15.28
N PHE A 163 14.45 -15.77 15.06
CA PHE A 163 15.49 -15.33 14.13
C PHE A 163 16.90 -15.53 14.69
N LEU A 164 17.02 -15.66 16.00
CA LEU A 164 18.33 -15.87 16.63
C LEU A 164 18.63 -17.36 16.80
N SER A 165 17.63 -18.21 16.52
CA SER A 165 17.81 -19.65 16.67
C SER A 165 18.86 -20.21 15.72
N GLU A 166 19.52 -21.27 16.16
CA GLU A 166 20.57 -21.94 15.40
C GLU A 166 20.03 -22.53 14.11
N GLN A 167 18.79 -22.96 14.15
CA GLN A 167 18.12 -23.57 13.01
C GLN A 167 17.97 -22.55 11.86
N TYR A 168 17.38 -21.40 12.19
CA TYR A 168 17.17 -20.36 11.22
C TYR A 168 18.53 -19.87 10.74
N LYS A 169 19.45 -19.71 11.67
CA LYS A 169 20.80 -19.25 11.38
C LYS A 169 21.54 -20.22 10.45
N ALA A 170 21.39 -21.52 10.70
CA ALA A 170 22.05 -22.54 9.89
C ALA A 170 21.44 -22.61 8.50
N GLU A 171 20.13 -22.43 8.41
CA GLU A 171 19.45 -22.48 7.13
C GLU A 171 19.77 -21.26 6.26
N LEU A 172 19.83 -20.07 6.87
CA LEU A 172 20.15 -18.88 6.10
C LEU A 172 21.60 -18.97 5.64
N SER A 173 22.44 -19.52 6.52
CA SER A 173 23.85 -19.68 6.22
C SER A 173 24.01 -20.65 5.05
N ASN A 174 23.21 -21.71 5.04
CA ASN A 174 23.27 -22.68 3.96
C ASN A 174 22.79 -22.06 2.66
N SER A 175 22.17 -20.89 2.75
CA SER A 175 21.69 -20.21 1.55
C SER A 175 22.66 -19.13 1.10
N GLY A 176 23.66 -18.87 1.94
CA GLY A 176 24.67 -17.87 1.62
C GLY A 176 24.57 -16.61 2.46
N PHE A 177 23.74 -16.65 3.51
CA PHE A 177 23.56 -15.50 4.39
C PHE A 177 24.05 -15.73 5.82
N ARG A 178 25.08 -14.99 6.22
CA ARG A 178 25.65 -15.12 7.56
C ARG A 178 25.13 -13.99 8.44
N ILE A 179 24.23 -14.34 9.36
CA ILE A 179 23.65 -13.35 10.27
C ILE A 179 24.67 -12.80 11.26
N ASP A 180 24.77 -11.47 11.30
CA ASP A 180 25.69 -10.83 12.21
C ASP A 180 24.91 -10.19 13.34
N ASP A 181 23.66 -9.81 13.04
CA ASP A 181 22.81 -9.18 14.04
C ASP A 181 21.31 -9.33 13.77
N VAL A 182 20.54 -9.36 14.86
CA VAL A 182 19.09 -9.45 14.79
C VAL A 182 18.57 -8.39 15.73
N LYS A 183 17.71 -7.51 15.22
CA LYS A 183 17.17 -6.46 16.06
C LYS A 183 15.66 -6.30 15.94
N GLU A 184 15.01 -6.06 17.06
CA GLU A 184 13.57 -5.88 17.10
C GLU A 184 13.31 -4.38 17.11
N LEU A 185 12.70 -3.89 16.03
CA LEU A 185 12.40 -2.48 15.88
C LEU A 185 10.94 -2.16 16.16
N ASP A 186 10.66 -0.93 16.55
CA ASP A 186 9.31 -0.48 16.86
C ASP A 186 8.72 0.40 15.77
N ASN A 187 7.46 0.79 15.96
CA ASN A 187 6.79 1.66 14.99
C ASN A 187 7.58 2.95 14.76
N GLU A 188 8.06 3.53 15.86
CA GLU A 188 8.81 4.79 15.79
C GLU A 188 9.86 4.74 14.69
N TYR A 189 10.62 3.66 14.67
CA TYR A 189 11.67 3.47 13.67
C TYR A 189 11.09 3.40 12.26
N VAL A 190 10.09 2.54 12.07
CA VAL A 190 9.47 2.37 10.77
C VAL A 190 8.83 3.64 10.24
N LYS A 191 8.49 4.57 11.12
CA LYS A 191 7.89 5.83 10.71
C LYS A 191 8.82 6.60 9.77
N GLN A 192 10.09 6.20 9.73
CA GLN A 192 11.05 6.89 8.89
C GLN A 192 10.90 6.58 7.39
N PHE A 193 10.41 5.38 7.08
CA PHE A 193 10.26 4.97 5.68
C PHE A 193 9.16 5.73 4.94
N ASN A 194 9.44 6.07 3.68
CA ASN A 194 8.50 6.81 2.85
C ASN A 194 7.48 5.89 2.18
N SER A 195 7.65 4.60 2.36
CA SER A 195 6.74 3.61 1.78
C SER A 195 5.34 3.73 2.39
N LEU A 196 4.33 3.87 1.55
CA LEU A 196 2.95 3.98 2.03
C LEU A 196 2.60 2.71 2.80
N TRP A 197 3.20 1.60 2.40
CA TRP A 197 3.00 0.32 3.06
C TRP A 197 3.66 0.37 4.45
N ALA A 198 4.86 0.92 4.50
CA ALA A 198 5.59 1.03 5.77
C ALA A 198 4.87 1.98 6.72
N LYS A 199 4.33 3.08 6.20
CA LYS A 199 3.62 4.06 7.02
C LYS A 199 2.33 3.50 7.59
N ARG A 200 1.60 2.71 6.79
CA ARG A 200 0.38 2.10 7.27
C ARG A 200 0.80 1.22 8.45
N LEU A 201 1.85 0.43 8.24
CA LEU A 201 2.38 -0.44 9.29
C LEU A 201 2.84 0.34 10.51
N ALA A 202 3.57 1.43 10.27
CA ALA A 202 4.09 2.25 11.36
C ALA A 202 3.01 3.03 12.11
N PHE A 203 2.05 3.57 11.39
CA PHE A 203 0.99 4.36 12.00
C PHE A 203 -0.17 3.60 12.63
N GLY A 204 -0.20 2.28 12.49
CA GLY A 204 -1.30 1.51 13.04
C GLY A 204 -1.12 1.11 14.50
N ARG A 205 -1.51 -0.13 14.83
CA ARG A 205 -1.38 -0.65 16.20
C ARG A 205 0.09 -0.89 16.51
N LYS A 206 0.43 -0.94 17.79
CA LYS A 206 1.82 -1.18 18.15
C LYS A 206 2.14 -2.50 17.47
N ARG A 207 3.30 -2.56 16.81
CA ARG A 207 3.66 -3.77 16.09
C ARG A 207 5.15 -4.06 16.26
N SER A 208 5.53 -5.32 16.07
CA SER A 208 6.93 -5.71 16.17
C SER A 208 7.55 -5.88 14.79
N PHE A 209 8.74 -5.33 14.62
CA PHE A 209 9.46 -5.42 13.36
C PHE A 209 10.78 -6.14 13.64
N PHE A 210 11.28 -6.87 12.65
CA PHE A 210 12.53 -7.60 12.84
C PHE A 210 13.51 -7.35 11.72
N ARG A 211 14.75 -7.07 12.10
CA ARG A 211 15.79 -6.85 11.13
C ARG A 211 16.89 -7.87 11.35
N VAL A 212 17.08 -8.72 10.36
CA VAL A 212 18.14 -9.71 10.40
C VAL A 212 19.11 -9.15 9.38
N SER A 213 20.35 -8.95 9.81
CA SER A 213 21.35 -8.40 8.90
C SER A 213 22.67 -9.10 9.11
N GLY A 214 23.51 -9.06 8.08
CA GLY A 214 24.81 -9.70 8.14
C GLY A 214 25.47 -9.59 6.79
N HIS A 215 26.35 -10.54 6.48
CA HIS A 215 27.06 -10.50 5.21
C HIS A 215 26.85 -11.76 4.39
N VAL A 216 27.05 -11.65 3.08
CA VAL A 216 26.89 -12.78 2.20
C VAL A 216 28.16 -13.65 2.14
N LEU B 2 -11.71 19.75 8.28
CA LEU B 2 -10.34 19.17 8.17
C LEU B 2 -10.18 18.40 6.85
N ILE B 3 -9.66 19.07 5.82
CA ILE B 3 -9.48 18.44 4.51
C ILE B 3 -8.07 18.66 3.96
N LEU B 4 -7.81 18.12 2.78
CA LEU B 4 -6.51 18.28 2.15
C LEU B 4 -6.56 19.06 0.83
N LYS B 5 -5.68 20.04 0.73
CA LYS B 5 -5.55 20.84 -0.48
C LYS B 5 -4.13 20.53 -0.89
N GLY B 6 -3.97 19.48 -1.69
CA GLY B 6 -2.65 19.08 -2.09
C GLY B 6 -2.05 18.43 -0.86
N THR B 7 -0.87 18.89 -0.43
CA THR B 7 -0.24 18.33 0.75
C THR B 7 -0.51 19.19 1.97
N LYS B 8 -1.27 20.27 1.78
CA LYS B 8 -1.59 21.14 2.92
C LYS B 8 -2.95 20.82 3.53
N THR B 9 -3.01 20.92 4.85
CA THR B 9 -4.24 20.66 5.60
C THR B 9 -4.95 21.97 5.95
N VAL B 10 -6.21 22.08 5.55
CA VAL B 10 -6.99 23.28 5.84
C VAL B 10 -8.37 22.91 6.33
N ASP B 11 -9.10 23.91 6.82
CA ASP B 11 -10.44 23.68 7.34
C ASP B 11 -11.53 23.99 6.33
N LEU B 12 -12.59 23.19 6.39
CA LEU B 12 -13.76 23.35 5.53
C LEU B 12 -14.94 23.39 6.50
N SER B 13 -15.71 24.46 6.48
CA SER B 13 -16.85 24.60 7.37
C SER B 13 -18.09 23.92 6.81
N LYS B 14 -19.08 23.71 7.68
CA LYS B 14 -20.31 23.08 7.27
C LYS B 14 -20.96 23.84 6.12
N ASP B 15 -20.96 25.17 6.22
CA ASP B 15 -21.55 25.98 5.17
C ASP B 15 -20.86 25.73 3.83
N GLU B 16 -19.55 25.94 3.79
CA GLU B 16 -18.76 25.75 2.57
C GLU B 16 -19.10 24.41 1.93
N LEU B 17 -19.11 23.36 2.75
CA LEU B 17 -19.41 22.01 2.28
C LEU B 17 -20.81 21.93 1.68
N THR B 18 -21.78 22.58 2.33
CA THR B 18 -23.15 22.58 1.87
C THR B 18 -23.20 23.21 0.48
N GLU B 19 -22.44 24.30 0.33
CA GLU B 19 -22.35 25.02 -0.92
C GLU B 19 -21.85 24.10 -2.04
N ILE B 20 -20.79 23.35 -1.75
CA ILE B 20 -20.19 22.43 -2.72
C ILE B 20 -21.13 21.29 -3.08
N ILE B 21 -21.69 20.64 -2.07
CA ILE B 21 -22.62 19.53 -2.28
C ILE B 21 -23.82 19.99 -3.11
N GLY B 22 -24.08 21.30 -3.10
CA GLY B 22 -25.20 21.82 -3.86
C GLY B 22 -25.16 21.56 -5.36
N GLN B 23 -23.98 21.64 -5.95
CA GLN B 23 -23.83 21.42 -7.40
C GLN B 23 -23.83 19.96 -7.81
N PHE B 24 -24.27 19.08 -6.90
CA PHE B 24 -24.33 17.66 -7.19
C PHE B 24 -25.63 17.05 -6.73
N ASP B 25 -26.05 15.96 -7.37
CA ASP B 25 -27.29 15.30 -6.99
C ASP B 25 -27.04 14.21 -5.96
N ARG B 26 -25.81 13.70 -5.90
CA ARG B 26 -25.49 12.64 -4.96
C ARG B 26 -24.16 12.85 -4.25
N VAL B 27 -24.06 12.27 -3.07
CA VAL B 27 -22.85 12.35 -2.27
C VAL B 27 -22.51 10.94 -1.78
N HIS B 28 -21.31 10.48 -2.10
CA HIS B 28 -20.86 9.17 -1.67
C HIS B 28 -19.67 9.35 -0.74
N ILE B 29 -19.60 8.54 0.30
CA ILE B 29 -18.49 8.60 1.24
C ILE B 29 -17.77 7.26 1.28
N ASP B 30 -16.45 7.32 1.15
CA ASP B 30 -15.62 6.13 1.22
C ASP B 30 -14.78 6.28 2.49
N LEU B 31 -15.02 5.40 3.47
CA LEU B 31 -14.32 5.44 4.76
C LEU B 31 -13.04 4.62 4.76
N GLY B 32 -11.95 5.19 5.29
CA GLY B 32 -10.68 4.48 5.29
C GLY B 32 -10.31 4.35 3.83
N THR B 33 -10.49 5.44 3.10
CA THR B 33 -10.22 5.50 1.68
C THR B 33 -8.79 5.13 1.24
N GLY B 34 -7.85 5.17 2.18
CA GLY B 34 -6.48 4.81 1.82
C GLY B 34 -5.69 5.81 0.98
N ASP B 35 -5.19 5.36 -0.17
CA ASP B 35 -4.41 6.24 -1.04
C ASP B 35 -5.27 7.08 -1.99
N GLY B 36 -6.57 7.04 -1.79
CA GLY B 36 -7.48 7.82 -2.60
C GLY B 36 -7.70 7.38 -4.04
N ARG B 37 -7.02 6.32 -4.49
CA ARG B 37 -7.19 5.85 -5.86
C ARG B 37 -8.57 5.28 -6.17
N ASN B 38 -9.14 4.51 -5.25
CA ASN B 38 -10.46 3.95 -5.49
C ASN B 38 -11.45 5.10 -5.69
N ILE B 39 -11.36 6.11 -4.84
CA ILE B 39 -12.23 7.29 -4.91
C ILE B 39 -11.98 8.06 -6.20
N TYR B 40 -10.71 8.17 -6.58
CA TYR B 40 -10.34 8.89 -7.79
C TYR B 40 -11.02 8.30 -9.02
N LYS B 41 -11.02 6.97 -9.11
CA LYS B 41 -11.66 6.29 -10.24
C LYS B 41 -13.18 6.45 -10.20
N LEU B 42 -13.76 6.42 -9.00
CA LEU B 42 -15.21 6.56 -8.85
C LEU B 42 -15.64 7.92 -9.37
N ALA B 43 -14.95 8.96 -8.94
CA ALA B 43 -15.27 10.33 -9.35
C ALA B 43 -15.08 10.61 -10.84
N ILE B 44 -13.92 10.22 -11.37
CA ILE B 44 -13.65 10.46 -12.78
C ILE B 44 -14.70 9.83 -13.70
N ASN B 45 -15.34 8.75 -13.23
CA ASN B 45 -16.36 8.07 -14.02
C ASN B 45 -17.79 8.51 -13.74
N ASP B 46 -17.97 9.45 -12.82
CA ASP B 46 -19.31 9.92 -12.49
C ASP B 46 -19.28 11.34 -11.91
N GLN B 47 -19.41 12.32 -12.80
CA GLN B 47 -19.38 13.73 -12.42
C GLN B 47 -20.67 14.24 -11.81
N ASN B 48 -21.64 13.34 -11.58
CA ASN B 48 -22.90 13.78 -10.99
C ASN B 48 -22.95 13.42 -9.50
N THR B 49 -21.82 12.98 -8.97
CA THR B 49 -21.74 12.61 -7.56
C THR B 49 -20.55 13.30 -6.93
N PHE B 50 -20.72 13.76 -5.70
CA PHE B 50 -19.59 14.37 -5.01
C PHE B 50 -19.00 13.30 -4.11
N TYR B 51 -17.73 12.97 -4.34
CA TYR B 51 -17.06 11.93 -3.56
C TYR B 51 -16.21 12.42 -2.42
N ILE B 52 -16.47 11.88 -1.23
CA ILE B 52 -15.74 12.25 -0.04
C ILE B 52 -14.97 11.02 0.47
N GLY B 53 -13.65 11.12 0.43
CA GLY B 53 -12.81 10.04 0.89
C GLY B 53 -12.26 10.42 2.26
N ILE B 54 -12.49 9.57 3.25
CA ILE B 54 -12.03 9.85 4.60
C ILE B 54 -10.91 8.89 4.99
N ASP B 55 -9.90 9.43 5.65
CA ASP B 55 -8.80 8.62 6.11
C ASP B 55 -8.07 9.34 7.25
N PRO B 56 -7.53 8.59 8.21
CA PRO B 56 -6.81 9.18 9.34
C PRO B 56 -5.35 9.51 9.04
N VAL B 57 -4.79 8.91 7.99
CA VAL B 57 -3.39 9.15 7.63
C VAL B 57 -3.30 9.96 6.35
N LYS B 58 -2.93 11.23 6.47
CA LYS B 58 -2.84 12.11 5.31
C LYS B 58 -1.66 11.79 4.39
N GLU B 59 -0.58 11.27 4.94
CA GLU B 59 0.59 10.93 4.14
C GLU B 59 0.23 10.09 2.92
N ASN B 60 -0.69 9.15 3.10
CA ASN B 60 -1.10 8.26 2.01
C ASN B 60 -2.00 8.92 0.97
N LEU B 61 -2.49 10.11 1.27
CA LEU B 61 -3.37 10.81 0.34
C LEU B 61 -2.69 11.91 -0.48
N PHE B 62 -1.48 12.30 -0.09
CA PHE B 62 -0.76 13.36 -0.77
C PHE B 62 -0.71 13.30 -2.29
N ASP B 63 -0.31 12.16 -2.83
CA ASP B 63 -0.23 12.01 -4.27
C ASP B 63 -1.53 12.38 -4.95
N ILE B 64 -2.55 11.53 -4.82
CA ILE B 64 -3.83 11.80 -5.45
C ILE B 64 -4.34 13.17 -5.04
N SER B 65 -4.08 13.58 -3.81
CA SER B 65 -4.53 14.90 -3.34
C SER B 65 -3.92 16.02 -4.19
N LYS B 66 -2.65 15.87 -4.55
CA LYS B 66 -1.96 16.87 -5.37
C LYS B 66 -2.46 16.81 -6.81
N LYS B 67 -2.95 15.64 -7.22
CA LYS B 67 -3.43 15.44 -8.58
C LYS B 67 -4.84 15.98 -8.84
N ILE B 68 -5.76 15.70 -7.92
CA ILE B 68 -7.15 16.15 -8.09
C ILE B 68 -7.24 17.66 -8.10
N ILE B 69 -6.25 18.32 -7.51
CA ILE B 69 -6.24 19.77 -7.41
C ILE B 69 -5.67 20.47 -8.65
N LYS B 70 -5.17 19.69 -9.60
CA LYS B 70 -4.62 20.26 -10.83
C LYS B 70 -5.77 20.66 -11.73
N LYS B 71 -5.48 21.40 -12.80
CA LYS B 71 -6.52 21.80 -13.73
C LYS B 71 -7.05 20.51 -14.35
N PRO B 72 -8.33 20.49 -14.74
CA PRO B 72 -8.95 19.31 -15.35
C PRO B 72 -8.12 18.75 -16.48
N SER B 73 -7.44 19.62 -17.21
CA SER B 73 -6.61 19.21 -18.34
C SER B 73 -5.49 18.26 -17.91
N LYS B 74 -5.05 18.38 -16.66
CA LYS B 74 -3.96 17.55 -16.16
C LYS B 74 -4.35 16.58 -15.06
N GLY B 75 -5.51 15.94 -15.20
CA GLY B 75 -5.96 14.97 -14.22
C GLY B 75 -6.66 15.52 -13.00
N GLY B 76 -7.11 16.77 -13.07
CA GLY B 76 -7.79 17.37 -11.94
C GLY B 76 -9.26 16.98 -11.88
N LEU B 77 -9.84 17.00 -10.68
CA LEU B 77 -11.24 16.63 -10.50
C LEU B 77 -11.97 17.65 -9.61
N SER B 78 -13.20 17.97 -9.96
CA SER B 78 -14.00 18.93 -9.20
C SER B 78 -14.94 18.26 -8.22
N ASN B 79 -15.10 16.94 -8.35
CA ASN B 79 -16.04 16.23 -7.49
C ASN B 79 -15.43 15.39 -6.39
N VAL B 80 -14.23 15.76 -5.93
CA VAL B 80 -13.56 15.01 -4.89
C VAL B 80 -13.04 15.89 -3.74
N VAL B 81 -13.04 15.32 -2.54
CA VAL B 81 -12.55 15.98 -1.35
C VAL B 81 -12.09 14.91 -0.37
N PHE B 82 -10.90 15.08 0.21
CA PHE B 82 -10.39 14.11 1.17
C PHE B 82 -10.48 14.67 2.57
N VAL B 83 -11.12 13.93 3.45
CA VAL B 83 -11.28 14.36 4.83
C VAL B 83 -10.36 13.56 5.72
N ILE B 84 -9.65 14.25 6.60
CA ILE B 84 -8.75 13.58 7.50
C ILE B 84 -9.47 13.38 8.82
N ALA B 85 -9.93 12.15 9.04
CA ALA B 85 -10.64 11.76 10.24
C ALA B 85 -10.61 10.24 10.39
N ALA B 86 -10.95 9.77 11.58
CA ALA B 86 -10.96 8.35 11.86
C ALA B 86 -12.38 7.91 12.20
N ALA B 87 -12.67 6.64 11.98
CA ALA B 87 -14.00 6.10 12.26
C ALA B 87 -14.40 6.34 13.71
N GLU B 88 -13.41 6.33 14.60
CA GLU B 88 -13.68 6.55 16.03
C GLU B 88 -14.23 7.93 16.32
N SER B 89 -13.95 8.89 15.44
CA SER B 89 -14.45 10.25 15.65
C SER B 89 -14.64 10.98 14.32
N LEU B 90 -15.79 10.72 13.70
CA LEU B 90 -16.15 11.32 12.43
C LEU B 90 -16.59 12.77 12.61
N PRO B 91 -16.32 13.63 11.61
CA PRO B 91 -16.69 15.05 11.66
C PRO B 91 -18.20 15.23 11.61
N PHE B 92 -18.74 16.01 12.55
CA PHE B 92 -20.18 16.27 12.61
C PHE B 92 -20.75 16.87 11.31
N GLU B 93 -19.90 17.56 10.55
CA GLU B 93 -20.36 18.18 9.30
C GLU B 93 -20.85 17.16 8.26
N LEU B 94 -20.47 15.89 8.43
CA LEU B 94 -20.85 14.86 7.48
C LEU B 94 -22.09 14.08 7.92
N LYS B 95 -22.72 14.53 8.99
CA LYS B 95 -23.91 13.88 9.53
C LYS B 95 -25.09 13.91 8.55
N ASN B 96 -25.71 12.75 8.32
CA ASN B 96 -26.87 12.64 7.46
C ASN B 96 -26.67 13.33 6.11
N ILE B 97 -25.58 13.01 5.44
CA ILE B 97 -25.29 13.66 4.17
C ILE B 97 -25.12 12.72 2.98
N ALA B 98 -24.74 11.48 3.24
CA ALA B 98 -24.46 10.51 2.18
C ALA B 98 -25.60 9.67 1.61
N ASP B 99 -25.59 9.56 0.28
CA ASP B 99 -26.57 8.78 -0.45
C ASP B 99 -26.06 7.35 -0.47
N SER B 100 -24.74 7.23 -0.34
CA SER B 100 -24.12 5.90 -0.31
C SER B 100 -22.79 5.94 0.44
N ILE B 101 -22.46 4.81 1.06
CA ILE B 101 -21.24 4.71 1.83
C ILE B 101 -20.51 3.42 1.49
N SER B 102 -19.19 3.51 1.43
CA SER B 102 -18.39 2.33 1.15
C SER B 102 -17.19 2.24 2.09
N ILE B 103 -16.79 1.02 2.38
CA ILE B 103 -15.62 0.72 3.19
C ILE B 103 -14.97 -0.39 2.35
N LEU B 104 -13.92 -0.01 1.62
CA LEU B 104 -13.24 -0.92 0.72
C LEU B 104 -11.87 -1.39 1.19
N PHE B 105 -11.74 -2.70 1.40
CA PHE B 105 -10.48 -3.30 1.83
C PHE B 105 -9.89 -2.61 3.05
N PRO B 106 -10.64 -2.56 4.17
CA PRO B 106 -10.17 -1.91 5.40
C PRO B 106 -9.05 -2.72 6.05
N TRP B 107 -8.17 -2.01 6.76
CA TRP B 107 -7.04 -2.63 7.45
C TRP B 107 -7.08 -2.16 8.90
N GLY B 108 -6.47 -2.93 9.79
CA GLY B 108 -6.44 -2.56 11.19
C GLY B 108 -7.76 -2.50 11.93
N THR B 109 -7.88 -1.51 12.80
CA THR B 109 -9.07 -1.32 13.63
C THR B 109 -10.37 -1.16 12.84
N LEU B 110 -10.31 -0.51 11.67
CA LEU B 110 -11.52 -0.33 10.88
C LEU B 110 -12.02 -1.69 10.37
N LEU B 111 -11.10 -2.57 10.02
CA LEU B 111 -11.46 -3.90 9.56
C LEU B 111 -12.16 -4.65 10.71
N GLU B 112 -11.62 -4.47 11.91
CA GLU B 112 -12.17 -5.08 13.11
C GLU B 112 -13.61 -4.61 13.33
N TYR B 113 -13.81 -3.30 13.23
CA TYR B 113 -15.13 -2.71 13.44
C TYR B 113 -16.18 -3.24 12.48
N VAL B 114 -15.77 -3.57 11.27
CA VAL B 114 -16.68 -4.08 10.26
C VAL B 114 -16.94 -5.57 10.41
N ILE B 115 -15.90 -6.32 10.77
CA ILE B 115 -15.99 -7.77 10.92
C ILE B 115 -16.55 -8.27 12.25
N LYS B 116 -16.15 -7.65 13.36
CA LYS B 116 -16.60 -8.09 14.67
C LYS B 116 -18.10 -8.43 14.76
N PRO B 117 -18.99 -7.45 14.56
CA PRO B 117 -18.77 -6.04 14.26
C PRO B 117 -18.78 -5.18 15.52
N ASN B 118 -18.36 -3.93 15.37
CA ASN B 118 -18.36 -2.99 16.48
C ASN B 118 -19.61 -2.13 16.24
N ARG B 119 -20.69 -2.47 16.93
CA ARG B 119 -21.96 -1.76 16.78
C ARG B 119 -21.88 -0.27 17.04
N ASP B 120 -21.08 0.14 18.03
CA ASP B 120 -20.97 1.55 18.33
C ASP B 120 -20.33 2.31 17.17
N ILE B 121 -19.19 1.82 16.70
CA ILE B 121 -18.49 2.45 15.60
C ILE B 121 -19.34 2.47 14.34
N LEU B 122 -19.90 1.33 13.97
CA LEU B 122 -20.73 1.25 12.77
C LEU B 122 -21.91 2.18 12.90
N SER B 123 -22.36 2.40 14.12
CA SER B 123 -23.49 3.26 14.39
C SER B 123 -23.12 4.70 13.98
N ASN B 124 -21.88 5.09 14.28
CA ASN B 124 -21.44 6.43 13.94
C ASN B 124 -21.34 6.57 12.43
N VAL B 125 -20.92 5.51 11.75
CA VAL B 125 -20.82 5.55 10.31
C VAL B 125 -22.23 5.65 9.72
N ALA B 126 -23.17 4.93 10.33
CA ALA B 126 -24.54 4.97 9.84
C ALA B 126 -25.09 6.40 9.88
N ASP B 127 -24.64 7.19 10.84
CA ASP B 127 -25.10 8.58 10.98
C ASP B 127 -24.68 9.51 9.86
N LEU B 128 -23.74 9.06 9.03
CA LEU B 128 -23.28 9.88 7.92
C LEU B 128 -24.21 9.76 6.72
N ALA B 129 -25.00 8.68 6.71
CA ALA B 129 -25.92 8.43 5.62
C ALA B 129 -27.30 9.02 5.83
N LYS B 130 -27.96 9.35 4.71
CA LYS B 130 -29.31 9.89 4.74
C LYS B 130 -30.27 8.70 4.76
N LYS B 131 -31.57 8.98 4.93
CA LYS B 131 -32.59 7.95 4.97
C LYS B 131 -32.39 6.82 3.97
N GLU B 132 -32.34 7.15 2.69
CA GLU B 132 -32.13 6.14 1.66
C GLU B 132 -30.85 5.39 2.00
N ALA B 133 -29.73 5.95 1.56
CA ALA B 133 -28.43 5.37 1.84
C ALA B 133 -28.17 3.93 1.45
N HIS B 134 -27.32 3.76 0.45
CA HIS B 134 -26.90 2.44 0.01
C HIS B 134 -25.51 2.27 0.63
N PHE B 135 -25.14 1.05 1.00
CA PHE B 135 -23.81 0.84 1.56
C PHE B 135 -23.15 -0.41 1.03
N GLU B 136 -21.82 -0.39 1.04
CA GLU B 136 -21.03 -1.51 0.56
C GLU B 136 -19.77 -1.74 1.39
N PHE B 137 -19.65 -2.93 1.97
CA PHE B 137 -18.46 -3.27 2.74
C PHE B 137 -17.72 -4.43 2.05
N VAL B 138 -16.51 -4.16 1.60
CA VAL B 138 -15.71 -5.18 0.93
C VAL B 138 -14.48 -5.49 1.80
N THR B 139 -14.36 -6.74 2.25
CA THR B 139 -13.24 -7.12 3.09
C THR B 139 -12.58 -8.44 2.72
N THR B 140 -11.43 -8.70 3.34
CA THR B 140 -10.66 -9.92 3.13
C THR B 140 -9.67 -10.05 4.30
N TYR B 141 -9.40 -11.27 4.73
CA TYR B 141 -8.47 -11.46 5.83
C TYR B 141 -7.34 -12.41 5.49
N SER B 142 -7.69 -13.64 5.11
CA SER B 142 -6.68 -14.63 4.76
C SER B 142 -6.61 -14.87 3.25
N ASP B 143 -5.44 -15.29 2.78
CA ASP B 143 -5.22 -15.57 1.36
C ASP B 143 -5.40 -17.05 1.06
N LYS B 160 -18.12 -16.68 3.95
CA LYS B 160 -19.38 -16.13 3.44
C LYS B 160 -20.56 -16.48 4.35
N ALA B 161 -20.46 -17.61 5.03
CA ALA B 161 -21.53 -18.04 5.92
C ALA B 161 -21.54 -17.16 7.16
N TYR B 162 -20.37 -16.68 7.55
CA TYR B 162 -20.27 -15.82 8.71
C TYR B 162 -21.06 -14.53 8.49
N PHE B 163 -20.90 -13.94 7.31
CA PHE B 163 -21.58 -12.69 6.97
C PHE B 163 -23.07 -12.87 6.70
N LEU B 164 -23.50 -14.10 6.41
CA LEU B 164 -24.91 -14.37 6.16
C LEU B 164 -25.62 -14.81 7.44
N SER B 165 -24.86 -15.02 8.51
CA SER B 165 -25.45 -15.46 9.77
C SER B 165 -26.39 -14.42 10.36
N GLU B 166 -27.39 -14.91 11.08
CA GLU B 166 -28.40 -14.08 11.72
C GLU B 166 -27.80 -13.15 12.77
N GLN B 167 -26.74 -13.64 13.42
CA GLN B 167 -26.05 -12.89 14.46
C GLN B 167 -25.40 -11.64 13.87
N TYR B 168 -24.60 -11.83 12.82
CA TYR B 168 -23.92 -10.72 12.17
C TYR B 168 -24.98 -9.78 11.58
N LYS B 169 -26.00 -10.37 10.97
CA LYS B 169 -27.09 -9.61 10.37
C LYS B 169 -27.85 -8.79 11.40
N ALA B 170 -28.10 -9.37 12.56
CA ALA B 170 -28.83 -8.69 13.62
C ALA B 170 -28.00 -7.56 14.22
N GLU B 171 -26.69 -7.80 14.36
CA GLU B 171 -25.81 -6.78 14.92
C GLU B 171 -25.62 -5.60 13.97
N LEU B 172 -25.47 -5.87 12.67
CA LEU B 172 -25.29 -4.78 11.73
C LEU B 172 -26.58 -3.99 11.65
N SER B 173 -27.70 -4.71 11.72
CA SER B 173 -29.02 -4.09 11.68
C SER B 173 -29.19 -3.19 12.90
N ASN B 174 -28.72 -3.64 14.05
CA ASN B 174 -28.82 -2.86 15.27
C ASN B 174 -27.94 -1.63 15.18
N SER B 175 -27.05 -1.59 14.19
CA SER B 175 -26.17 -0.44 14.01
C SER B 175 -26.71 0.49 12.93
N GLY B 176 -27.75 0.05 12.24
CA GLY B 176 -28.35 0.85 11.20
C GLY B 176 -28.09 0.34 9.79
N PHE B 177 -27.54 -0.86 9.69
CA PHE B 177 -27.24 -1.45 8.39
C PHE B 177 -28.06 -2.72 8.07
N ARG B 178 -28.92 -2.63 7.06
CA ARG B 178 -29.75 -3.76 6.66
C ARG B 178 -29.13 -4.46 5.45
N ILE B 179 -28.58 -5.64 5.69
CA ILE B 179 -27.94 -6.42 4.62
C ILE B 179 -28.95 -6.93 3.59
N ASP B 180 -28.70 -6.61 2.34
CA ASP B 180 -29.58 -7.06 1.27
C ASP B 180 -28.90 -8.18 0.49
N ASP B 181 -27.57 -8.16 0.48
CA ASP B 181 -26.80 -9.17 -0.23
C ASP B 181 -25.37 -9.37 0.30
N VAL B 182 -24.87 -10.58 0.14
CA VAL B 182 -23.53 -10.94 0.55
C VAL B 182 -22.93 -11.69 -0.61
N LYS B 183 -21.79 -11.24 -1.11
CA LYS B 183 -21.16 -11.91 -2.23
C LYS B 183 -19.67 -12.16 -2.03
N GLU B 184 -19.22 -13.33 -2.46
CA GLU B 184 -17.83 -13.71 -2.35
C GLU B 184 -17.18 -13.42 -3.70
N LEU B 185 -16.25 -12.48 -3.71
CA LEU B 185 -15.56 -12.08 -4.92
C LEU B 185 -14.15 -12.65 -5.00
N ASP B 186 -13.66 -12.80 -6.22
CA ASP B 186 -12.32 -13.35 -6.46
C ASP B 186 -11.31 -12.27 -6.83
N ASN B 187 -10.06 -12.70 -7.00
CA ASN B 187 -8.99 -11.78 -7.38
C ASN B 187 -9.33 -11.04 -8.68
N GLU B 188 -9.86 -11.79 -9.65
CA GLU B 188 -10.22 -11.23 -10.95
C GLU B 188 -11.00 -9.93 -10.79
N TYR B 189 -12.00 -9.97 -9.92
CA TYR B 189 -12.83 -8.79 -9.66
C TYR B 189 -12.01 -7.64 -9.07
N VAL B 190 -11.27 -7.95 -8.01
CA VAL B 190 -10.46 -6.94 -7.34
C VAL B 190 -9.40 -6.30 -8.23
N LYS B 191 -9.02 -7.00 -9.29
CA LYS B 191 -8.03 -6.47 -10.22
C LYS B 191 -8.51 -5.17 -10.85
N GLN B 192 -9.81 -4.89 -10.73
CA GLN B 192 -10.35 -3.67 -11.31
C GLN B 192 -10.00 -2.40 -10.54
N PHE B 193 -9.79 -2.51 -9.23
CA PHE B 193 -9.47 -1.35 -8.39
C PHE B 193 -8.08 -0.78 -8.66
N ASN B 194 -8.00 0.55 -8.67
CA ASN B 194 -6.74 1.25 -8.92
C ASN B 194 -5.90 1.38 -7.66
N SER B 195 -6.45 0.94 -6.53
CA SER B 195 -5.74 1.00 -5.26
C SER B 195 -4.51 0.09 -5.28
N LEU B 196 -3.35 0.64 -4.94
CA LEU B 196 -2.12 -0.16 -4.91
C LEU B 196 -2.29 -1.28 -3.89
N TRP B 197 -3.07 -1.00 -2.85
CA TRP B 197 -3.36 -1.99 -1.82
C TRP B 197 -4.24 -3.09 -2.42
N ALA B 198 -5.25 -2.68 -3.18
CA ALA B 198 -6.16 -3.64 -3.81
C ALA B 198 -5.43 -4.50 -4.84
N LYS B 199 -4.52 -3.89 -5.60
CA LYS B 199 -3.74 -4.62 -6.62
C LYS B 199 -2.79 -5.63 -5.99
N ARG B 200 -2.16 -5.26 -4.88
CA ARG B 200 -1.27 -6.20 -4.20
C ARG B 200 -2.14 -7.39 -3.82
N LEU B 201 -3.31 -7.10 -3.23
CA LEU B 201 -4.24 -8.15 -2.82
C LEU B 201 -4.72 -8.96 -4.02
N ALA B 202 -5.07 -8.29 -5.11
CA ALA B 202 -5.55 -8.96 -6.31
C ALA B 202 -4.48 -9.77 -7.03
N PHE B 203 -3.27 -9.22 -7.14
CA PHE B 203 -2.20 -9.90 -7.84
C PHE B 203 -1.43 -10.97 -7.09
N GLY B 204 -1.74 -11.16 -5.81
CA GLY B 204 -1.02 -12.18 -5.04
C GLY B 204 -1.59 -13.58 -5.12
N ARG B 205 -1.63 -14.28 -3.99
CA ARG B 205 -2.16 -15.64 -3.92
C ARG B 205 -3.68 -15.59 -4.11
N LYS B 206 -4.27 -16.71 -4.51
CA LYS B 206 -5.71 -16.73 -4.66
C LYS B 206 -6.24 -16.32 -3.29
N ARG B 207 -7.20 -15.41 -3.28
CA ARG B 207 -7.73 -14.93 -2.01
C ARG B 207 -9.24 -14.76 -2.09
N SER B 208 -9.90 -14.77 -0.94
CA SER B 208 -11.34 -14.59 -0.88
C SER B 208 -11.69 -13.17 -0.43
N PHE B 209 -12.63 -12.57 -1.14
CA PHE B 209 -13.08 -11.22 -0.82
C PHE B 209 -14.57 -11.28 -0.51
N PHE B 210 -15.03 -10.42 0.38
CA PHE B 210 -16.44 -10.42 0.75
C PHE B 210 -17.07 -9.06 0.65
N ARG B 211 -18.24 -9.02 0.03
CA ARG B 211 -18.97 -7.78 -0.12
C ARG B 211 -20.33 -7.93 0.54
N VAL B 212 -20.53 -7.16 1.60
CA VAL B 212 -21.81 -7.15 2.29
C VAL B 212 -22.36 -5.81 1.87
N SER B 213 -23.55 -5.81 1.30
CA SER B 213 -24.17 -4.58 0.87
C SER B 213 -25.65 -4.57 1.20
N GLY B 214 -26.21 -3.38 1.30
CA GLY B 214 -27.62 -3.24 1.61
C GLY B 214 -27.94 -1.78 1.78
N HIS B 215 -28.97 -1.48 2.57
CA HIS B 215 -29.37 -0.09 2.76
C HIS B 215 -29.35 0.31 4.22
N VAL B 216 -29.24 1.62 4.47
CA VAL B 216 -29.20 2.11 5.84
C VAL B 216 -30.61 2.30 6.40
#